data_5LVN
#
_entry.id   5LVN
#
_cell.length_a   147.405
_cell.length_b   44.320
_cell.length_c   47.670
_cell.angle_alpha   90.00
_cell.angle_beta   101.44
_cell.angle_gamma   90.00
#
_symmetry.space_group_name_H-M   'C 1 2 1'
#
loop_
_entity.id
_entity.type
_entity.pdbx_description
1 polymer '3-phosphoinositide-dependent protein kinase 1'
2 non-polymer 'DITHIANE DIOL'
3 non-polymer ADENOSINE
4 non-polymer 'CHLORIDE ION'
5 water water
#
_entity_poly.entity_id   1
_entity_poly.type   'polypeptide(L)'
_entity_poly.pdbx_seq_one_letter_code
;GAMDGTAAEPRPGAGSLQHAQPPPQPRKKRPEDFKFGKILGEGSFSTVVLARELATSREYAIKILEKRHIIKENKVPYVT
RERDVMSRLDHPFFVKLYFTFQDDEKLYFGLSYAKNGELLKYIRKIGSFDETCTRFYTAEIVSALEYLHGKGIIHRDLKP
ENILLNEDMHIQITDFGTAKVLSPESKQARAN(SEP)FVGTAQYVSPELLTEKSACKSSDLWALGCIIYQLVAGLPPFRA
GNEGLIFAKIIKLEYDFPEKFFPKARDLVEKLLVLDATKRLGCEEMEGYGPLKAHPFFESVTWENLHQQTPPKLT
;
_entity_poly.pdbx_strand_id   A
#
loop_
_chem_comp.id
_chem_comp.type
_chem_comp.name
_chem_comp.formula
ADN non-polymer ADENOSINE 'C10 H13 N5 O4'
CL non-polymer 'CHLORIDE ION' 'Cl -1'
DTD non-polymer 'DITHIANE DIOL' 'C4 H8 O2 S2'
#
# COMPACT_ATOMS: atom_id res chain seq x y z
C ARG A 27 -17.29 -19.62 15.06
N LYS A 28 -16.50 -20.67 15.27
CA LYS A 28 -15.07 -20.65 14.96
C LYS A 28 -14.77 -21.63 13.82
N LYS A 29 -14.23 -21.10 12.73
CA LYS A 29 -13.98 -21.90 11.55
C LYS A 29 -12.77 -22.82 11.76
N ARG A 30 -12.70 -23.87 10.94
CA ARG A 30 -11.67 -24.90 10.95
C ARG A 30 -11.25 -25.18 9.52
N PRO A 31 -10.03 -25.73 9.31
CA PRO A 31 -9.58 -25.99 7.93
C PRO A 31 -10.54 -26.84 7.11
N GLU A 32 -11.17 -27.83 7.73
CA GLU A 32 -12.11 -28.72 7.05
C GLU A 32 -13.40 -28.02 6.63
N ASP A 33 -13.62 -26.79 7.09
CA ASP A 33 -14.76 -25.98 6.64
C ASP A 33 -14.55 -25.41 5.26
N PHE A 34 -13.38 -25.64 4.65
CA PHE A 34 -13.00 -25.04 3.39
C PHE A 34 -12.51 -26.10 2.42
N LYS A 35 -12.71 -25.81 1.13
CA LYS A 35 -12.04 -26.52 0.05
C LYS A 35 -10.97 -25.59 -0.50
N PHE A 36 -9.71 -25.99 -0.46
CA PHE A 36 -8.64 -25.15 -0.94
CA PHE A 36 -8.64 -25.15 -0.94
C PHE A 36 -8.38 -25.43 -2.42
N GLY A 37 -8.10 -24.35 -3.15
CA GLY A 37 -7.72 -24.44 -4.55
C GLY A 37 -6.30 -23.99 -4.78
N LYS A 38 -6.06 -23.20 -5.81
CA LYS A 38 -4.72 -22.89 -6.24
C LYS A 38 -4.01 -22.01 -5.23
N ILE A 39 -2.69 -22.13 -5.19
CA ILE A 39 -1.87 -21.19 -4.45
C ILE A 39 -1.83 -19.87 -5.20
N LEU A 40 -2.15 -18.79 -4.51
CA LEU A 40 -2.14 -17.43 -5.05
C LEU A 40 -0.80 -16.74 -4.88
N GLY A 41 -0.04 -17.12 -3.86
CA GLY A 41 1.26 -16.50 -3.67
C GLY A 41 1.93 -17.07 -2.46
N GLU A 42 3.23 -16.78 -2.37
CA GLU A 42 4.04 -17.28 -1.28
C GLU A 42 4.90 -16.13 -0.79
N GLY A 43 4.92 -15.93 0.52
CA GLY A 43 5.83 -15.02 1.16
C GLY A 43 6.91 -15.82 1.85
N SER A 44 7.84 -15.08 2.47
CA SER A 44 8.93 -15.75 3.18
C SER A 44 8.40 -16.62 4.31
N PHE A 45 7.25 -16.24 4.89
CA PHE A 45 6.71 -16.93 6.06
C PHE A 45 5.24 -17.29 5.90
N SER A 46 4.70 -17.25 4.68
CA SER A 46 3.27 -17.51 4.51
C SER A 46 3.01 -18.11 3.14
N THR A 47 1.82 -18.68 3.00
CA THR A 47 1.29 -19.14 1.73
C THR A 47 -0.15 -18.64 1.66
N VAL A 48 -0.52 -18.06 0.52
CA VAL A 48 -1.89 -17.55 0.32
C VAL A 48 -2.53 -18.49 -0.68
N VAL A 49 -3.67 -19.06 -0.29
CA VAL A 49 -4.37 -20.07 -1.07
C VAL A 49 -5.80 -19.62 -1.30
N LEU A 50 -6.29 -19.82 -2.51
CA LEU A 50 -7.69 -19.56 -2.80
C LEU A 50 -8.52 -20.66 -2.14
N ALA A 51 -9.65 -20.28 -1.54
CA ALA A 51 -10.46 -21.27 -0.85
C ALA A 51 -11.93 -20.94 -1.01
N ARG A 52 -12.75 -21.98 -0.93
CA ARG A 52 -14.20 -21.82 -0.87
C ARG A 52 -14.69 -22.38 0.46
N GLU A 53 -15.48 -21.58 1.16
CA GLU A 53 -16.09 -22.02 2.41
C GLU A 53 -17.29 -22.89 2.09
N LEU A 54 -17.30 -24.13 2.58
CA LEU A 54 -18.32 -25.09 2.15
C LEU A 54 -19.74 -24.65 2.52
N ALA A 55 -19.92 -24.12 3.73
CA ALA A 55 -21.27 -23.83 4.22
C ALA A 55 -21.90 -22.62 3.53
N THR A 56 -21.11 -21.77 2.88
CA THR A 56 -21.61 -20.54 2.28
C THR A 56 -21.30 -20.40 0.81
N SER A 57 -20.40 -21.21 0.27
CA SER A 57 -19.89 -21.11 -1.09
C SER A 57 -19.09 -19.82 -1.34
N ARG A 58 -18.73 -19.08 -0.29
CA ARG A 58 -17.96 -17.85 -0.50
C ARG A 58 -16.49 -18.16 -0.76
N GLU A 59 -15.89 -17.38 -1.64
CA GLU A 59 -14.47 -17.47 -1.93
C GLU A 59 -13.66 -16.53 -1.04
N TYR A 60 -12.50 -17.00 -0.60
CA TYR A 60 -11.59 -16.19 0.20
C TYR A 60 -10.17 -16.46 -0.26
N ALA A 61 -9.28 -15.49 -0.05
CA ALA A 61 -7.86 -15.76 -0.09
C ALA A 61 -7.45 -16.01 1.36
N ILE A 62 -6.97 -17.22 1.65
CA ILE A 62 -6.58 -17.58 3.02
C ILE A 62 -5.07 -17.54 3.11
N LYS A 63 -4.55 -16.69 4.00
CA LYS A 63 -3.12 -16.62 4.27
C LYS A 63 -2.82 -17.57 5.41
N ILE A 64 -1.88 -18.47 5.18
CA ILE A 64 -1.62 -19.56 6.10
C ILE A 64 -0.17 -19.46 6.56
N LEU A 65 0.01 -19.46 7.88
CA LEU A 65 1.34 -19.30 8.48
C LEU A 65 1.64 -20.50 9.36
N GLU A 66 2.86 -21.04 9.23
CA GLU A 66 3.27 -22.18 10.03
C GLU A 66 3.77 -21.64 11.36
N LYS A 67 3.10 -22.03 12.44
CA LYS A 67 3.40 -21.47 13.76
C LYS A 67 4.86 -21.73 14.14
N ARG A 68 5.35 -22.96 13.97
CA ARG A 68 6.72 -23.25 14.36
C ARG A 68 7.69 -22.27 13.70
N HIS A 69 7.42 -21.92 12.45
CA HIS A 69 8.29 -21.04 11.69
C HIS A 69 8.20 -19.59 12.19
N ILE A 70 6.99 -19.07 12.38
CA ILE A 70 6.87 -17.70 12.87
C ILE A 70 7.50 -17.58 14.27
N ILE A 71 7.32 -18.60 15.12
CA ILE A 71 7.92 -18.57 16.45
C ILE A 71 9.44 -18.58 16.33
N LYS A 72 9.97 -19.51 15.54
CA LYS A 72 11.42 -19.67 15.48
C LYS A 72 12.08 -18.41 14.90
N GLU A 73 11.42 -17.76 13.95
CA GLU A 73 11.99 -16.61 13.26
C GLU A 73 11.52 -15.27 13.83
N ASN A 74 10.94 -15.27 15.04
CA ASN A 74 10.61 -14.04 15.76
C ASN A 74 9.63 -13.17 14.96
N LYS A 75 8.66 -13.81 14.29
CA LYS A 75 7.68 -13.08 13.49
C LYS A 75 6.34 -12.90 14.19
N VAL A 76 6.21 -13.36 15.43
CA VAL A 76 4.91 -13.27 16.13
C VAL A 76 4.41 -11.83 16.17
N PRO A 77 5.25 -10.82 16.47
CA PRO A 77 4.73 -9.45 16.51
C PRO A 77 4.15 -8.98 15.19
N TYR A 78 4.68 -9.45 14.06
CA TYR A 78 4.15 -8.99 12.77
C TYR A 78 2.81 -9.65 12.47
N VAL A 79 2.66 -10.92 12.80
CA VAL A 79 1.38 -11.60 12.63
C VAL A 79 0.31 -10.97 13.53
N THR A 80 0.66 -10.67 14.78
CA THR A 80 -0.27 -10.01 15.68
C THR A 80 -0.64 -8.63 15.16
N ARG A 81 0.35 -7.90 14.63
CA ARG A 81 0.12 -6.57 14.08
C ARG A 81 -0.83 -6.63 12.89
N GLU A 82 -0.61 -7.58 11.98
CA GLU A 82 -1.46 -7.72 10.81
C GLU A 82 -2.92 -7.91 11.22
N ARG A 83 -3.17 -8.82 12.16
CA ARG A 83 -4.53 -9.05 12.64
C ARG A 83 -5.12 -7.80 13.30
N ASP A 84 -4.37 -7.19 14.21
CA ASP A 84 -4.86 -6.01 14.92
CA ASP A 84 -4.88 -6.01 14.91
C ASP A 84 -5.20 -4.88 13.94
N VAL A 85 -4.29 -4.59 13.01
CA VAL A 85 -4.53 -3.48 12.10
C VAL A 85 -5.70 -3.80 11.18
N MET A 86 -5.71 -4.99 10.57
CA MET A 86 -6.76 -5.28 9.60
C MET A 86 -8.12 -5.34 10.27
N SER A 87 -8.17 -5.70 11.54
CA SER A 87 -9.45 -5.76 12.23
CA SER A 87 -9.45 -5.76 12.24
C SER A 87 -10.08 -4.39 12.39
N ARG A 88 -9.32 -3.33 12.18
CA ARG A 88 -9.82 -1.97 12.31
C ARG A 88 -10.37 -1.40 11.02
N LEU A 89 -10.13 -2.06 9.89
CA LEU A 89 -10.40 -1.45 8.60
C LEU A 89 -11.72 -1.96 8.03
N ASP A 90 -12.51 -1.03 7.47
CA ASP A 90 -13.76 -1.38 6.79
C ASP A 90 -14.01 -0.52 5.56
N HIS A 91 -13.01 -0.12 4.90
CA HIS A 91 -13.12 0.76 3.75
C HIS A 91 -13.01 -0.05 2.45
N PRO A 92 -13.72 0.36 1.39
CA PRO A 92 -13.72 -0.43 0.14
C PRO A 92 -12.36 -0.64 -0.53
N PHE A 93 -11.34 0.17 -0.23
CA PHE A 93 -10.07 0.11 -0.94
C PHE A 93 -9.03 -0.70 -0.18
N PHE A 94 -9.45 -1.54 0.75
CA PHE A 94 -8.54 -2.42 1.48
C PHE A 94 -9.03 -3.85 1.40
N VAL A 95 -8.07 -4.77 1.33
CA VAL A 95 -8.38 -6.17 1.58
C VAL A 95 -9.00 -6.25 2.98
N LYS A 96 -10.06 -7.04 3.10
CA LYS A 96 -10.76 -7.23 4.37
C LYS A 96 -10.32 -8.52 5.04
N LEU A 97 -10.16 -8.47 6.37
CA LEU A 97 -9.93 -9.66 7.19
C LEU A 97 -11.28 -10.07 7.76
N TYR A 98 -11.79 -11.21 7.31
CA TYR A 98 -13.09 -11.67 7.75
C TYR A 98 -13.03 -12.57 8.98
N PHE A 99 -11.98 -13.33 9.14
CA PHE A 99 -11.89 -14.29 10.24
C PHE A 99 -10.44 -14.74 10.38
N THR A 100 -10.12 -15.23 11.58
CA THR A 100 -8.89 -15.94 11.81
C THR A 100 -9.21 -17.22 12.59
N PHE A 101 -8.38 -18.24 12.40
CA PHE A 101 -8.47 -19.45 13.20
C PHE A 101 -7.11 -20.14 13.19
N GLN A 102 -6.97 -21.16 14.02
CA GLN A 102 -5.70 -21.88 14.06
C GLN A 102 -5.98 -23.34 14.35
N ASP A 103 -5.04 -24.18 13.94
CA ASP A 103 -5.05 -25.56 14.40
C ASP A 103 -3.70 -25.78 15.07
N ASP A 104 -3.27 -27.02 15.22
CA ASP A 104 -2.08 -27.28 16.03
C ASP A 104 -0.83 -26.70 15.36
N GLU A 105 -0.81 -26.65 14.03
CA GLU A 105 0.39 -26.29 13.30
C GLU A 105 0.33 -24.92 12.63
N LYS A 106 -0.86 -24.38 12.36
CA LYS A 106 -0.96 -23.24 11.46
C LYS A 106 -1.94 -22.19 11.98
N LEU A 107 -1.70 -20.96 11.53
CA LEU A 107 -2.59 -19.84 11.70
C LEU A 107 -3.16 -19.49 10.34
N TYR A 108 -4.46 -19.16 10.29
CA TYR A 108 -5.17 -18.91 9.06
C TYR A 108 -5.87 -17.58 9.14
N PHE A 109 -5.63 -16.71 8.16
CA PHE A 109 -6.31 -15.43 8.03
CA PHE A 109 -6.29 -15.42 8.01
C PHE A 109 -7.21 -15.49 6.80
N GLY A 110 -8.50 -15.33 7.00
CA GLY A 110 -9.43 -15.32 5.88
C GLY A 110 -9.62 -13.92 5.33
N LEU A 111 -9.16 -13.70 4.11
CA LEU A 111 -9.11 -12.39 3.49
C LEU A 111 -10.01 -12.32 2.27
N SER A 112 -10.42 -11.11 1.92
CA SER A 112 -11.10 -10.98 0.64
C SER A 112 -10.14 -11.32 -0.50
N TYR A 113 -10.68 -11.95 -1.53
CA TYR A 113 -9.91 -12.37 -2.68
C TYR A 113 -9.87 -11.25 -3.70
N ALA A 114 -8.68 -10.78 -4.02
CA ALA A 114 -8.47 -9.77 -5.05
C ALA A 114 -8.12 -10.51 -6.34
N LYS A 115 -9.14 -10.74 -7.17
CA LYS A 115 -9.00 -11.66 -8.28
C LYS A 115 -8.00 -11.21 -9.34
N ASN A 116 -7.80 -9.90 -9.49
CA ASN A 116 -6.92 -9.41 -10.55
C ASN A 116 -5.48 -9.17 -10.10
N GLY A 117 -5.13 -9.52 -8.87
CA GLY A 117 -3.73 -9.55 -8.48
C GLY A 117 -3.13 -8.18 -8.25
N GLU A 118 -1.80 -8.10 -8.44
CA GLU A 118 -1.02 -6.92 -8.06
C GLU A 118 -1.08 -5.83 -9.12
N LEU A 119 -1.17 -4.58 -8.64
CA LEU A 119 -1.05 -3.46 -9.56
C LEU A 119 0.25 -3.53 -10.34
N LEU A 120 1.34 -3.95 -9.70
CA LEU A 120 2.65 -4.06 -10.35
C LEU A 120 2.57 -4.84 -11.66
N LYS A 121 1.78 -5.90 -11.71
CA LYS A 121 1.64 -6.70 -12.92
C LYS A 121 1.23 -5.83 -14.10
N TYR A 122 0.32 -4.90 -13.87
CA TYR A 122 -0.20 -4.05 -14.94
C TYR A 122 0.83 -2.99 -15.35
N ILE A 123 1.56 -2.44 -14.38
CA ILE A 123 2.63 -1.53 -14.74
C ILE A 123 3.64 -2.22 -15.65
N ARG A 124 4.03 -3.45 -15.30
CA ARG A 124 5.07 -4.13 -16.06
C ARG A 124 4.60 -4.41 -17.49
N LYS A 125 3.34 -4.82 -17.63
CA LYS A 125 2.90 -5.30 -18.93
C LYS A 125 2.58 -4.15 -19.87
N ILE A 126 2.02 -3.06 -19.33
CA ILE A 126 1.65 -1.92 -20.15
C ILE A 126 2.79 -0.90 -20.25
N GLY A 127 3.66 -0.85 -19.26
CA GLY A 127 4.82 0.00 -19.30
C GLY A 127 4.54 1.32 -18.61
N SER A 128 3.42 1.98 -18.93
N SER A 128 3.43 1.91 -18.92
CA SER A 128 3.14 3.38 -18.52
CA SER A 128 3.01 3.03 -18.11
C SER A 128 1.65 3.67 -18.64
C SER A 128 1.53 3.16 -18.28
N PHE A 129 0.99 4.07 -17.53
CA PHE A 129 -0.43 4.34 -17.55
C PHE A 129 -0.66 5.69 -18.22
N ASP A 130 -1.76 5.79 -18.98
CA ASP A 130 -2.18 7.08 -19.53
C ASP A 130 -2.63 8.01 -18.40
N GLU A 131 -2.94 9.26 -18.74
CA GLU A 131 -3.26 10.22 -17.71
C GLU A 131 -4.56 9.89 -16.97
N THR A 132 -5.58 9.46 -17.69
CA THR A 132 -6.85 9.12 -17.05
C THR A 132 -6.69 7.96 -16.08
N CYS A 133 -5.93 6.94 -16.47
CA CYS A 133 -5.69 5.81 -15.57
C CYS A 133 -4.79 6.20 -14.41
N THR A 134 -3.73 6.96 -14.66
CA THR A 134 -2.90 7.46 -13.56
C THR A 134 -3.77 8.22 -12.57
N ARG A 135 -4.60 9.14 -13.06
CA ARG A 135 -5.43 9.97 -12.17
C ARG A 135 -6.38 9.10 -11.35
N PHE A 136 -7.03 8.13 -11.99
CA PHE A 136 -8.04 7.33 -11.29
C PHE A 136 -7.40 6.49 -10.20
N TYR A 137 -6.33 5.78 -10.53
CA TYR A 137 -5.69 4.92 -9.54
C TYR A 137 -5.01 5.73 -8.46
N THR A 138 -4.40 6.86 -8.83
CA THR A 138 -3.85 7.74 -7.80
C THR A 138 -4.95 8.21 -6.85
N ALA A 139 -6.11 8.61 -7.41
CA ALA A 139 -7.21 9.08 -6.57
C ALA A 139 -7.67 7.99 -5.61
N GLU A 140 -7.77 6.74 -6.07
CA GLU A 140 -8.14 5.66 -5.15
C GLU A 140 -7.12 5.52 -4.03
N ILE A 141 -5.82 5.56 -4.36
CA ILE A 141 -4.78 5.42 -3.34
C ILE A 141 -4.87 6.57 -2.34
N VAL A 142 -5.07 7.79 -2.84
CA VAL A 142 -5.21 8.95 -1.96
C VAL A 142 -6.40 8.77 -1.03
N SER A 143 -7.54 8.31 -1.56
CA SER A 143 -8.72 8.08 -0.74
CA SER A 143 -8.73 8.08 -0.75
C SER A 143 -8.44 7.04 0.33
N ALA A 144 -7.71 6.00 -0.02
CA ALA A 144 -7.39 4.95 0.94
C ALA A 144 -6.48 5.49 2.03
N LEU A 145 -5.45 6.25 1.66
CA LEU A 145 -4.54 6.84 2.64
C LEU A 145 -5.25 7.83 3.56
N GLU A 146 -6.18 8.61 3.01
CA GLU A 146 -6.99 9.50 3.84
C GLU A 146 -7.71 8.72 4.93
N TYR A 147 -8.31 7.59 4.57
CA TYR A 147 -9.01 6.75 5.55
C TYR A 147 -8.03 6.20 6.57
N LEU A 148 -6.90 5.65 6.10
CA LEU A 148 -5.95 5.02 6.99
C LEU A 148 -5.38 6.04 7.97
N HIS A 149 -4.95 7.19 7.44
CA HIS A 149 -4.35 8.21 8.29
C HIS A 149 -5.38 8.80 9.25
N GLY A 150 -6.64 8.89 8.83
CA GLY A 150 -7.67 9.36 9.72
C GLY A 150 -7.90 8.45 10.91
N LYS A 151 -7.55 7.17 10.78
CA LYS A 151 -7.56 6.23 11.89
C LYS A 151 -6.24 6.18 12.65
N GLY A 152 -5.28 7.04 12.31
CA GLY A 152 -4.02 7.05 12.99
C GLY A 152 -3.16 5.85 12.66
N ILE A 153 -3.25 5.32 11.44
CA ILE A 153 -2.48 4.15 11.03
C ILE A 153 -1.53 4.54 9.90
N ILE A 154 -0.25 4.16 10.04
CA ILE A 154 0.76 4.34 8.98
C ILE A 154 0.92 2.99 8.30
N HIS A 155 0.91 2.96 6.97
CA HIS A 155 1.12 1.68 6.29
C HIS A 155 2.59 1.26 6.36
N ARG A 156 3.50 2.16 5.95
CA ARG A 156 4.96 2.01 5.99
C ARG A 156 5.54 1.13 4.89
N ASP A 157 4.74 0.40 4.14
CA ASP A 157 5.24 -0.44 3.05
C ASP A 157 4.32 -0.33 1.84
N LEU A 158 3.92 0.90 1.52
CA LEU A 158 3.05 1.08 0.35
C LEU A 158 3.89 0.97 -0.92
N LYS A 159 3.42 0.16 -1.87
CA LYS A 159 4.13 -0.10 -3.11
C LYS A 159 3.19 -0.89 -4.02
N PRO A 160 3.45 -0.92 -5.33
CA PRO A 160 2.48 -1.56 -6.25
C PRO A 160 2.24 -3.03 -5.97
N GLU A 161 3.22 -3.76 -5.42
CA GLU A 161 3.02 -5.17 -5.09
C GLU A 161 1.97 -5.35 -4.00
N ASN A 162 1.76 -4.32 -3.17
CA ASN A 162 0.85 -4.33 -2.04
C ASN A 162 -0.47 -3.62 -2.35
N ILE A 163 -0.71 -3.25 -3.61
CA ILE A 163 -1.96 -2.65 -4.04
C ILE A 163 -2.56 -3.68 -4.99
N LEU A 164 -3.50 -4.46 -4.48
CA LEU A 164 -4.12 -5.51 -5.28
C LEU A 164 -5.34 -4.91 -5.99
N LEU A 165 -5.90 -5.69 -6.91
CA LEU A 165 -7.05 -5.26 -7.72
C LEU A 165 -8.14 -6.32 -7.62
N ASN A 166 -9.35 -5.88 -7.33
CA ASN A 166 -10.48 -6.81 -7.25
C ASN A 166 -11.03 -7.10 -8.65
N GLU A 167 -12.12 -7.89 -8.70
CA GLU A 167 -12.69 -8.31 -9.97
CA GLU A 167 -12.67 -8.31 -9.98
C GLU A 167 -13.14 -7.12 -10.81
N ASP A 168 -13.54 -6.03 -10.16
CA ASP A 168 -14.00 -4.82 -10.82
C ASP A 168 -12.87 -3.83 -11.11
N MET A 169 -11.63 -4.18 -10.79
CA MET A 169 -10.45 -3.35 -11.02
C MET A 169 -10.37 -2.12 -10.11
N HIS A 170 -10.98 -2.22 -8.94
CA HIS A 170 -10.72 -1.27 -7.86
C HIS A 170 -9.57 -1.78 -7.00
N ILE A 171 -8.84 -0.84 -6.37
CA ILE A 171 -7.72 -1.22 -5.55
C ILE A 171 -8.17 -1.89 -4.26
N GLN A 172 -7.28 -2.76 -3.73
CA GLN A 172 -7.42 -3.46 -2.46
C GLN A 172 -6.03 -3.48 -1.83
N ILE A 173 -5.74 -2.46 -1.00
CA ILE A 173 -4.44 -2.40 -0.36
C ILE A 173 -4.31 -3.49 0.69
N THR A 174 -3.10 -4.09 0.76
CA THR A 174 -2.85 -5.17 1.67
C THR A 174 -1.48 -5.02 2.32
N ASP A 175 -1.13 -6.05 3.13
CA ASP A 175 0.17 -6.21 3.79
CA ASP A 175 0.18 -6.20 3.79
C ASP A 175 0.34 -5.24 4.96
N PHE A 176 -0.32 -5.55 6.05
CA PHE A 176 -0.38 -4.71 7.23
C PHE A 176 0.48 -5.21 8.37
N GLY A 177 1.26 -6.27 8.18
CA GLY A 177 2.13 -6.74 9.24
C GLY A 177 3.20 -5.75 9.64
N THR A 178 3.49 -4.78 8.77
CA THR A 178 4.48 -3.76 9.06
C THR A 178 3.85 -2.39 9.25
N ALA A 179 2.53 -2.34 9.36
CA ALA A 179 1.84 -1.10 9.64
C ALA A 179 1.96 -0.75 11.13
N LYS A 180 1.54 0.46 11.46
CA LYS A 180 1.64 0.96 12.84
C LYS A 180 0.37 1.70 13.20
N VAL A 181 -0.24 1.34 14.33
CA VAL A 181 -1.31 2.12 14.93
C VAL A 181 -0.64 3.12 15.86
N LEU A 182 -0.71 4.41 15.50
CA LEU A 182 -0.23 5.46 16.38
C LEU A 182 -1.18 5.63 17.54
N SER A 183 -0.63 5.82 18.74
CA SER A 183 -1.45 5.86 19.93
C SER A 183 -2.18 7.20 20.04
N PRO A 184 -3.51 7.24 20.05
CA PRO A 184 -4.19 8.52 20.28
C PRO A 184 -3.97 9.06 21.66
N GLU A 185 -3.68 8.20 22.63
CA GLU A 185 -3.57 8.63 24.02
C GLU A 185 -2.36 9.54 24.20
N SER A 186 -1.26 9.25 23.49
CA SER A 186 -0.05 10.07 23.59
C SER A 186 0.11 11.03 22.42
N LYS A 187 -0.90 11.15 21.57
CA LYS A 187 -0.85 11.98 20.37
C LYS A 187 0.40 11.63 19.54
N GLN A 188 0.70 10.33 19.51
CA GLN A 188 1.89 9.85 18.83
C GLN A 188 1.87 10.21 17.35
N ALA A 189 3.01 10.73 16.87
CA ALA A 189 3.20 11.04 15.46
C ALA A 189 4.31 10.23 14.80
N ARG A 190 5.29 9.75 15.56
CA ARG A 190 6.44 9.05 15.00
C ARG A 190 6.47 7.60 15.47
N ALA A 191 6.90 6.72 14.57
CA ALA A 191 7.03 5.29 14.80
C ALA A 191 8.49 4.88 14.59
N ASN A 192 9.00 4.00 15.46
CA ASN A 192 10.45 3.74 15.52
C ASN A 192 10.94 2.45 14.86
N SEP A 193 10.05 1.56 14.47
CA SEP A 193 10.48 0.30 13.85
CB SEP A 193 9.35 -0.70 13.78
OG SEP A 193 8.90 -0.99 15.08
C SEP A 193 11.03 0.55 12.45
O SEP A 193 10.46 1.32 11.68
P SEP A 193 7.42 -0.45 15.37
O1P SEP A 193 6.36 -1.36 14.62
O2P SEP A 193 7.25 1.09 15.07
O3P SEP A 193 7.20 -0.66 16.95
H SEP A 193 9.19 1.64 14.54
HA SEP A 193 11.21 -0.08 14.40
HB2 SEP A 193 9.67 -1.51 13.36
HB3 SEP A 193 8.63 -0.32 13.26
N PHE A 194 12.09 -0.16 12.10
CA PHE A 194 12.68 -0.03 10.78
C PHE A 194 12.12 -1.09 9.84
N VAL A 195 11.13 -0.69 9.04
CA VAL A 195 10.41 -1.58 8.13
C VAL A 195 10.21 -0.80 6.83
N GLY A 196 9.93 -1.53 5.76
CA GLY A 196 9.64 -0.95 4.46
C GLY A 196 10.36 -1.69 3.35
N THR A 197 10.40 -1.02 2.19
CA THR A 197 11.03 -1.53 0.99
C THR A 197 11.88 -0.39 0.43
N ALA A 198 13.12 -0.71 0.02
CA ALA A 198 14.11 0.33 -0.27
C ALA A 198 13.60 1.38 -1.29
N GLN A 199 12.98 0.94 -2.39
CA GLN A 199 12.59 1.87 -3.42
C GLN A 199 11.57 2.91 -2.94
N TYR A 200 10.81 2.62 -1.87
CA TYR A 200 9.70 3.44 -1.43
C TYR A 200 9.92 4.02 -0.04
N VAL A 201 11.05 3.71 0.60
CA VAL A 201 11.26 4.11 1.98
C VAL A 201 11.52 5.61 2.04
N SER A 202 11.08 6.23 3.11
CA SER A 202 11.16 7.67 3.23
C SER A 202 12.52 8.14 3.76
N PRO A 203 12.94 9.34 3.41
CA PRO A 203 14.23 9.82 3.90
C PRO A 203 14.27 9.95 5.39
N GLU A 204 13.14 10.28 6.04
CA GLU A 204 13.16 10.41 7.50
C GLU A 204 13.43 9.08 8.17
N LEU A 205 12.90 7.99 7.62
CA LEU A 205 13.21 6.71 8.24
C LEU A 205 14.70 6.41 8.14
N LEU A 206 15.30 6.75 6.99
CA LEU A 206 16.73 6.51 6.79
C LEU A 206 17.61 7.38 7.67
N THR A 207 17.28 8.67 7.84
CA THR A 207 18.16 9.62 8.50
C THR A 207 17.79 9.86 9.95
N GLU A 208 16.50 9.89 10.29
CA GLU A 208 16.05 10.14 11.66
C GLU A 208 15.67 8.86 12.39
N LYS A 209 15.55 7.74 11.66
CA LYS A 209 15.21 6.45 12.23
C LYS A 209 13.77 6.37 12.74
N SER A 210 12.90 7.22 12.21
CA SER A 210 11.48 7.09 12.50
CA SER A 210 11.48 7.17 12.53
C SER A 210 10.67 7.47 11.27
N ALA A 211 9.46 6.91 11.21
CA ALA A 211 8.49 7.23 10.18
C ALA A 211 7.28 7.92 10.79
N CYS A 212 6.47 8.50 9.92
CA CYS A 212 5.26 9.21 10.30
C CYS A 212 4.23 8.98 9.20
N LYS A 213 3.01 9.50 9.38
CA LYS A 213 2.00 9.33 8.33
CA LYS A 213 2.02 9.28 8.33
C LYS A 213 2.50 9.84 7.00
N SER A 214 3.20 10.97 7.02
CA SER A 214 3.74 11.56 5.80
C SER A 214 4.71 10.64 5.07
N SER A 215 5.30 9.66 5.75
CA SER A 215 6.15 8.70 5.06
C SER A 215 5.37 7.97 3.97
N ASP A 216 4.09 7.70 4.19
CA ASP A 216 3.27 7.07 3.16
C ASP A 216 3.03 8.00 1.97
N LEU A 217 3.02 9.31 2.19
CA LEU A 217 2.90 10.27 1.09
C LEU A 217 4.14 10.32 0.22
N TRP A 218 5.33 10.12 0.82
CA TRP A 218 6.53 9.92 0.02
C TRP A 218 6.38 8.68 -0.87
N ALA A 219 5.94 7.55 -0.30
CA ALA A 219 5.71 6.37 -1.11
C ALA A 219 4.70 6.66 -2.23
N LEU A 220 3.61 7.37 -1.92
CA LEU A 220 2.64 7.76 -2.94
C LEU A 220 3.33 8.50 -4.09
N GLY A 221 4.19 9.45 -3.79
CA GLY A 221 4.89 10.16 -4.84
C GLY A 221 5.72 9.22 -5.71
N CYS A 222 6.40 8.26 -5.08
CA CYS A 222 7.16 7.28 -5.85
C CYS A 222 6.24 6.48 -6.75
N ILE A 223 5.06 6.11 -6.25
CA ILE A 223 4.11 5.29 -7.03
C ILE A 223 3.55 6.06 -8.22
N ILE A 224 3.12 7.30 -8.00
CA ILE A 224 2.64 8.12 -9.12
C ILE A 224 3.73 8.21 -10.19
N TYR A 225 4.96 8.51 -9.77
CA TYR A 225 6.05 8.58 -10.72
C TYR A 225 6.16 7.28 -11.51
N GLN A 226 6.11 6.15 -10.81
CA GLN A 226 6.23 4.85 -11.45
C GLN A 226 5.10 4.57 -12.44
N LEU A 227 3.86 4.95 -12.10
CA LEU A 227 2.75 4.72 -13.02
C LEU A 227 2.99 5.44 -14.36
N VAL A 228 3.59 6.62 -14.32
CA VAL A 228 3.78 7.41 -15.53
C VAL A 228 5.07 7.05 -16.24
N ALA A 229 6.15 6.91 -15.50
CA ALA A 229 7.49 6.74 -16.06
C ALA A 229 7.83 5.29 -16.27
N GLY A 230 7.16 4.35 -15.62
CA GLY A 230 7.41 2.94 -15.80
C GLY A 230 8.29 2.31 -14.75
N LEU A 231 9.03 3.12 -13.99
CA LEU A 231 9.92 2.66 -12.94
C LEU A 231 9.84 3.66 -11.81
N PRO A 232 10.09 3.24 -10.57
CA PRO A 232 10.10 4.17 -9.47
C PRO A 232 11.33 5.07 -9.56
N PRO A 233 11.29 6.21 -8.89
CA PRO A 233 12.27 7.27 -9.18
C PRO A 233 13.69 7.05 -8.66
N PHE A 234 13.84 6.26 -7.60
CA PHE A 234 15.17 6.09 -6.96
CA PHE A 234 15.12 6.01 -6.94
C PHE A 234 15.90 4.73 -7.23
C PHE A 234 15.33 4.52 -7.14
N ARG A 235 15.69 4.08 -8.37
N ARG A 235 16.30 4.17 -7.95
CA ARG A 235 16.17 2.71 -8.63
CA ARG A 235 16.34 2.80 -8.41
C ARG A 235 17.72 2.54 -8.55
C ARG A 235 17.79 2.48 -8.67
N ALA A 236 18.17 1.30 -8.24
CA ALA A 236 19.56 0.86 -8.35
C ALA A 236 19.56 -0.62 -8.04
N GLY A 237 20.69 -1.28 -8.37
CA GLY A 237 20.77 -2.70 -8.13
C GLY A 237 21.16 -3.11 -6.75
N ASN A 238 21.33 -2.18 -5.82
CA ASN A 238 21.75 -2.44 -4.44
C ASN A 238 20.96 -1.47 -3.58
N GLU A 239 20.46 -1.92 -2.42
CA GLU A 239 19.65 -1.05 -1.57
C GLU A 239 20.43 0.18 -1.10
N GLY A 240 21.72 0.00 -0.76
CA GLY A 240 22.48 1.13 -0.28
C GLY A 240 22.57 2.26 -1.31
N LEU A 241 22.72 1.90 -2.58
CA LEU A 241 22.76 2.92 -3.64
C LEU A 241 21.44 3.69 -3.71
N ILE A 242 20.31 2.99 -3.50
CA ILE A 242 19.01 3.66 -3.49
C ILE A 242 18.94 4.63 -2.30
N PHE A 243 19.35 4.18 -1.10
CA PHE A 243 19.30 5.06 0.06
C PHE A 243 20.06 6.34 -0.21
N ALA A 244 21.23 6.23 -0.84
CA ALA A 244 22.05 7.43 -1.08
C ALA A 244 21.33 8.43 -1.97
N LYS A 245 20.61 7.93 -2.98
CA LYS A 245 19.82 8.81 -3.85
CA LYS A 245 19.81 8.81 -3.85
C LYS A 245 18.62 9.41 -3.12
N ILE A 246 17.93 8.61 -2.31
CA ILE A 246 16.77 9.13 -1.58
C ILE A 246 17.17 10.36 -0.77
N ILE A 247 18.24 10.22 0.04
CA ILE A 247 18.56 11.26 1.00
C ILE A 247 19.08 12.53 0.33
N LYS A 248 19.52 12.42 -0.94
CA LYS A 248 19.95 13.55 -1.75
C LYS A 248 18.83 14.08 -2.65
N LEU A 249 17.67 13.43 -2.65
CA LEU A 249 16.60 13.73 -3.59
C LEU A 249 17.11 13.70 -5.02
N GLU A 250 17.87 12.65 -5.33
CA GLU A 250 18.52 12.49 -6.63
C GLU A 250 17.60 11.68 -7.54
N TYR A 251 16.81 12.39 -8.35
CA TYR A 251 15.97 11.76 -9.36
C TYR A 251 15.65 12.81 -10.40
N ASP A 252 15.16 12.34 -11.55
CA ASP A 252 14.81 13.20 -12.68
CA ASP A 252 14.72 13.26 -12.57
C ASP A 252 13.52 12.69 -13.30
N PHE A 253 12.85 13.56 -14.05
CA PHE A 253 11.66 13.19 -14.79
C PHE A 253 11.97 12.92 -16.27
N PRO A 254 11.37 11.88 -16.86
CA PRO A 254 11.47 11.73 -18.31
C PRO A 254 10.76 12.85 -19.04
N GLU A 255 10.84 12.79 -20.36
N GLU A 255 11.26 13.13 -20.26
CA GLU A 255 10.01 13.64 -21.22
CA GLU A 255 11.01 14.42 -20.91
C GLU A 255 8.57 13.14 -21.30
C GLU A 255 9.52 14.65 -21.09
N LYS A 256 7.66 14.08 -21.55
N LYS A 256 8.79 13.59 -21.41
CA LYS A 256 6.23 13.86 -21.73
CA LYS A 256 7.34 13.59 -21.44
C LYS A 256 5.52 13.47 -20.44
C LYS A 256 6.87 12.97 -20.13
N PHE A 257 6.20 13.55 -19.31
N PHE A 257 6.16 13.77 -19.34
CA PHE A 257 5.55 13.31 -18.04
CA PHE A 257 5.56 13.34 -18.07
C PHE A 257 4.46 14.35 -17.82
N PHE A 258 3.22 13.89 -17.64
CA PHE A 258 2.06 14.78 -17.58
C PHE A 258 2.37 15.95 -16.64
N PRO A 259 2.35 17.20 -17.13
CA PRO A 259 2.82 18.31 -16.28
C PRO A 259 2.16 18.44 -14.91
N LYS A 260 0.84 18.27 -14.81
CA LYS A 260 0.23 18.40 -13.50
C LYS A 260 0.61 17.24 -12.59
N ALA A 261 0.87 16.07 -13.16
CA ALA A 261 1.35 14.94 -12.37
C ALA A 261 2.78 15.19 -11.89
N ARG A 262 3.60 15.79 -12.75
CA ARG A 262 4.95 16.15 -12.31
C ARG A 262 4.89 17.13 -11.15
N ASP A 263 4.04 18.14 -11.25
CA ASP A 263 3.91 19.09 -10.15
C ASP A 263 3.49 18.39 -8.85
N LEU A 264 2.51 17.49 -8.94
CA LEU A 264 2.09 16.73 -7.76
C LEU A 264 3.26 15.92 -7.18
N VAL A 265 3.97 15.17 -8.03
CA VAL A 265 5.10 14.39 -7.52
C VAL A 265 6.10 15.30 -6.81
N GLU A 266 6.39 16.46 -7.38
CA GLU A 266 7.32 17.40 -6.77
C GLU A 266 6.82 17.95 -5.43
N LYS A 267 5.51 17.89 -5.18
CA LYS A 267 4.95 18.28 -3.90
C LYS A 267 4.87 17.14 -2.89
N LEU A 268 5.19 15.93 -3.31
CA LEU A 268 5.20 14.76 -2.45
C LEU A 268 6.61 14.31 -2.12
N LEU A 269 7.50 14.31 -3.13
CA LEU A 269 8.89 13.91 -2.95
C LEU A 269 9.67 15.11 -2.43
N VAL A 270 9.42 15.41 -1.17
CA VAL A 270 10.02 16.53 -0.46
C VAL A 270 10.70 15.95 0.76
N LEU A 271 11.98 16.31 0.96
CA LEU A 271 12.75 15.68 2.04
C LEU A 271 12.13 15.97 3.41
N ASP A 272 11.66 17.20 3.64
CA ASP A 272 11.04 17.58 4.91
C ASP A 272 9.62 17.00 4.95
N ALA A 273 9.39 16.04 5.84
CA ALA A 273 8.11 15.33 5.88
C ALA A 273 6.95 16.24 6.29
N THR A 274 7.23 17.40 6.88
CA THR A 274 6.20 18.35 7.26
C THR A 274 5.80 19.27 6.11
N LYS A 275 6.40 19.12 4.93
CA LYS A 275 6.13 19.97 3.78
C LYS A 275 5.55 19.20 2.59
N ARG A 276 5.10 17.96 2.81
CA ARG A 276 4.48 17.17 1.76
C ARG A 276 2.99 17.44 1.68
N LEU A 277 2.49 17.65 0.49
CA LEU A 277 1.07 17.91 0.31
C LEU A 277 0.28 16.68 0.79
N GLY A 278 -0.68 16.91 1.69
CA GLY A 278 -1.43 15.85 2.34
C GLY A 278 -1.05 15.63 3.79
N CYS A 279 0.11 16.11 4.23
CA CYS A 279 0.51 15.84 5.60
C CYS A 279 -0.22 16.74 6.57
N GLU A 280 -0.20 16.33 7.83
CA GLU A 280 -0.93 17.05 8.88
C GLU A 280 -0.48 18.49 8.99
N GLU A 281 0.84 18.74 8.91
CA GLU A 281 1.34 20.11 9.02
C GLU A 281 0.91 20.98 7.85
N MET A 282 0.57 20.39 6.71
CA MET A 282 0.02 21.10 5.57
CA MET A 282 0.01 21.14 5.59
C MET A 282 -1.50 21.03 5.53
N GLU A 283 -2.11 20.63 6.64
CA GLU A 283 -3.56 20.67 6.81
CA GLU A 283 -3.56 20.60 6.87
C GLU A 283 -4.28 19.52 6.07
N GLY A 284 -3.59 18.41 5.83
CA GLY A 284 -4.24 17.15 5.50
C GLY A 284 -4.70 16.96 4.07
N TYR A 285 -5.72 16.12 3.92
CA TYR A 285 -6.09 15.64 2.60
C TYR A 285 -6.87 16.62 1.74
N GLY A 286 -7.52 17.62 2.32
CA GLY A 286 -8.27 18.58 1.52
C GLY A 286 -7.43 19.26 0.47
N PRO A 287 -6.29 19.80 0.89
CA PRO A 287 -5.41 20.48 -0.10
C PRO A 287 -4.82 19.53 -1.11
N LEU A 288 -4.55 18.29 -0.72
CA LEU A 288 -4.05 17.29 -1.67
C LEU A 288 -5.11 16.95 -2.71
N LYS A 289 -6.35 16.69 -2.27
CA LYS A 289 -7.41 16.39 -3.22
C LYS A 289 -7.75 17.58 -4.11
N ALA A 290 -7.42 18.80 -3.67
CA ALA A 290 -7.61 20.03 -4.44
C ALA A 290 -6.51 20.28 -5.47
N HIS A 291 -5.48 19.45 -5.51
CA HIS A 291 -4.42 19.65 -6.47
C HIS A 291 -4.98 19.64 -7.89
N PRO A 292 -4.46 20.47 -8.80
CA PRO A 292 -4.99 20.50 -10.18
C PRO A 292 -4.98 19.18 -10.92
N PHE A 293 -4.09 18.25 -10.58
CA PHE A 293 -4.09 16.96 -11.25
C PHE A 293 -5.42 16.25 -11.04
N PHE A 294 -6.10 16.55 -9.94
CA PHE A 294 -7.35 15.88 -9.61
C PHE A 294 -8.60 16.69 -9.95
N GLU A 295 -8.48 17.76 -10.75
CA GLU A 295 -9.61 18.65 -11.00
C GLU A 295 -10.85 17.88 -11.43
N SER A 296 -10.70 16.86 -12.29
CA SER A 296 -11.86 16.15 -12.82
C SER A 296 -12.36 14.99 -11.95
N VAL A 297 -11.74 14.72 -10.80
CA VAL A 297 -12.11 13.59 -9.97
C VAL A 297 -13.38 13.89 -9.18
N THR A 298 -14.30 12.94 -9.17
CA THR A 298 -15.42 12.94 -8.23
C THR A 298 -15.04 12.00 -7.10
N TRP A 299 -14.76 12.57 -5.93
CA TRP A 299 -14.22 11.82 -4.81
C TRP A 299 -15.27 10.96 -4.14
N GLU A 300 -16.51 11.43 -4.08
CA GLU A 300 -17.59 10.65 -3.49
C GLU A 300 -17.90 9.40 -4.32
N ASN A 301 -18.08 8.28 -3.65
CA ASN A 301 -18.47 7.04 -4.32
C ASN A 301 -17.47 6.61 -5.40
N LEU A 302 -16.19 6.92 -5.21
CA LEU A 302 -15.17 6.51 -6.17
C LEU A 302 -15.17 5.00 -6.34
N HIS A 303 -15.47 4.25 -5.26
CA HIS A 303 -15.45 2.80 -5.33
C HIS A 303 -16.62 2.24 -6.14
N GLN A 304 -17.58 3.08 -6.55
CA GLN A 304 -18.68 2.64 -7.38
C GLN A 304 -18.57 3.12 -8.81
N GLN A 305 -17.57 3.92 -9.12
CA GLN A 305 -17.30 4.35 -10.48
C GLN A 305 -16.62 3.22 -11.25
N THR A 306 -16.90 3.17 -12.54
CA THR A 306 -16.27 2.14 -13.38
C THR A 306 -14.85 2.57 -13.70
N PRO A 307 -13.83 1.79 -13.32
CA PRO A 307 -12.47 2.23 -13.60
C PRO A 307 -12.24 2.34 -15.09
N PRO A 308 -11.37 3.27 -15.52
CA PRO A 308 -10.95 3.29 -16.93
C PRO A 308 -10.17 2.03 -17.27
N LYS A 309 -10.31 1.58 -18.51
CA LYS A 309 -9.62 0.38 -18.97
C LYS A 309 -8.13 0.68 -19.11
N LEU A 310 -7.29 -0.22 -18.63
CA LEU A 310 -5.85 -0.05 -18.67
C LEU A 310 -5.34 -0.52 -20.03
N THR A 311 -4.82 0.41 -20.83
CA THR A 311 -4.24 0.03 -22.11
C THR A 311 -2.92 0.76 -22.29
S1 DTD B . 14.39 -0.16 3.62
C1 DTD B . 14.87 -1.59 2.94
C2 DTD B . 15.37 -2.66 4.05
O2 DTD B . 15.73 -3.72 3.54
C3 DTD B . 14.05 -2.97 5.12
O3 DTD B . 14.47 -3.83 5.92
C4 DTD B . 13.64 -1.60 5.91
S4 DTD B . 13.23 -0.31 4.96
H11 DTD B . 15.59 -1.41 2.31
H12 DTD B . 14.12 -1.97 2.45
H21 DTD B . 16.10 -2.27 4.56
HO2 DTD B . 16.53 -3.89 3.77
H31 DTD B . 13.29 -3.30 4.62
HO3 DTD B . 13.91 -4.47 5.94
H41 DTD B . 12.89 -1.79 6.48
H42 DTD B . 14.39 -1.33 6.46
O5' ADN C . 1.07 -12.49 -0.07
C5' ADN C . 1.77 -13.16 -1.12
C4' ADN C . 1.16 -12.87 -2.48
O4' ADN C . -0.14 -13.55 -2.60
C3' ADN C . 0.84 -11.40 -2.75
O3' ADN C . 1.98 -10.67 -3.18
C2' ADN C . -0.28 -11.48 -3.78
O2' ADN C . 0.21 -11.73 -5.09
C1' ADN C . -1.04 -12.73 -3.31
N9 ADN C . -2.12 -12.31 -2.41
C8 ADN C . -1.98 -11.94 -1.10
N7 ADN C . -3.17 -11.59 -0.65
C5 ADN C . -4.04 -11.77 -1.67
C6 ADN C . -5.37 -11.57 -1.71
N6 ADN C . -6.23 -11.09 -0.63
N1 ADN C . -6.07 -11.77 -2.83
C2 ADN C . -5.39 -12.19 -3.93
N3 ADN C . -4.05 -12.40 -3.89
C4 ADN C . -3.39 -12.19 -2.78
HO5' ADN C . 1.63 -12.07 0.42
H5'1 ADN C . 1.74 -14.12 -0.96
H5'2 ADN C . 2.69 -12.86 -1.13
H4' ADN C . 1.75 -13.19 -3.17
H3' ADN C . 0.49 -10.99 -1.94
HO3' ADN C . 2.09 -9.99 -2.68
H2' ADN C . -0.85 -10.69 -3.76
HO2' ADN C . -0.03 -11.10 -5.60
H1' ADN C . -1.40 -13.21 -4.07
H8 ADN C . -1.18 -11.93 -0.61
HN61 ADN C . -5.89 -10.89 0.13
HN62 ADN C . -7.07 -11.01 -0.76
H2 ADN C . -5.85 -12.35 -4.72
CL CL D . 7.74 -6.08 -12.37
#